data_3W6K
#
_entry.id   3W6K
#
_cell.length_a   107.823
_cell.length_b   88.919
_cell.length_c   60.683
_cell.angle_alpha   90.00
_cell.angle_beta   94.31
_cell.angle_gamma   90.00
#
_symmetry.space_group_name_H-M   'C 1 2 1'
#
loop_
_entity.id
_entity.type
_entity.pdbx_description
1 polymer ScpA
2 polymer ScpB
3 water water
#
loop_
_entity_poly.entity_id
_entity_poly.type
_entity_poly.pdbx_seq_one_letter_code
_entity_poly.pdbx_strand_id
1 'polypeptide(L)' ERALLFTKPPSDLSAYAD A,D
2 'polypeptide(L)'
;GSHMGALKPAKAIVEALLFAAGDEGLSLSQIAAVLEVSELEAKAVIEELQQDCRREERGIQLVELGGVFLLATKKEHAPY
LKKLVEAPGASP
;
B,C,E,F
#
# COMPACT_ATOMS: atom_id res chain seq x y z
N ARG A 2 30.80 -5.01 -20.98
CA ARG A 2 29.38 -4.92 -21.34
C ARG A 2 28.52 -4.35 -20.19
N ALA A 3 28.59 -3.03 -19.97
CA ALA A 3 27.93 -2.38 -18.82
C ALA A 3 26.49 -2.79 -18.64
N LEU A 4 26.21 -3.54 -17.57
CA LEU A 4 24.88 -4.10 -17.30
C LEU A 4 24.01 -3.14 -16.50
N LEU A 5 22.85 -2.79 -17.06
CA LEU A 5 21.83 -2.08 -16.31
C LEU A 5 20.60 -2.96 -16.27
N PHE A 6 20.05 -3.19 -15.08
CA PHE A 6 18.85 -4.00 -15.00
C PHE A 6 17.59 -3.15 -14.99
N THR A 7 16.61 -3.60 -15.78
CA THR A 7 15.30 -2.99 -15.81
C THR A 7 14.38 -3.96 -15.07
N LYS A 8 13.14 -3.57 -14.86
CA LYS A 8 12.18 -4.48 -14.24
C LYS A 8 10.97 -4.50 -15.14
N PRO A 9 10.24 -5.62 -15.17
CA PRO A 9 9.05 -5.72 -16.03
C PRO A 9 7.95 -4.76 -15.60
N PRO A 10 7.08 -4.37 -16.54
CA PRO A 10 5.87 -3.58 -16.24
C PRO A 10 5.07 -4.13 -15.05
N SER A 11 4.39 -3.24 -14.33
CA SER A 11 3.57 -3.65 -13.20
C SER A 11 2.23 -4.26 -13.58
N ASP A 12 1.47 -4.64 -12.54
CA ASP A 12 0.09 -5.10 -12.68
C ASP A 12 -0.77 -4.14 -13.49
N LEU A 13 -0.87 -4.36 -14.79
CA LEU A 13 -1.69 -3.51 -15.64
C LEU A 13 -3.10 -3.41 -15.06
N SER A 14 -3.62 -4.55 -14.62
CA SER A 14 -4.86 -4.63 -13.83
C SER A 14 -6.11 -3.99 -14.47
N ALA A 15 -7.05 -3.60 -13.62
CA ALA A 15 -8.21 -2.85 -14.07
C ALA A 15 -7.87 -1.36 -14.15
N TYR A 16 -7.62 -0.76 -12.98
CA TYR A 16 -7.27 0.66 -12.86
C TYR A 16 -8.11 1.58 -13.75
N GLY B 5 29.62 8.96 4.37
CA GLY B 5 28.30 8.34 4.49
C GLY B 5 28.38 6.84 4.28
N ALA B 6 28.75 6.12 5.34
CA ALA B 6 29.28 4.76 5.20
C ALA B 6 28.34 3.66 4.67
N LEU B 7 27.03 3.87 4.73
CA LEU B 7 26.09 2.84 4.26
C LEU B 7 25.30 3.24 3.02
N LYS B 8 25.54 4.45 2.55
CA LYS B 8 24.91 4.94 1.31
C LYS B 8 25.03 3.94 0.17
N PRO B 9 26.27 3.54 -0.18
CA PRO B 9 26.31 2.56 -1.28
C PRO B 9 25.57 1.26 -0.92
N ALA B 10 25.49 0.91 0.36
CA ALA B 10 24.80 -0.32 0.77
C ALA B 10 23.29 -0.22 0.57
N LYS B 11 22.73 0.88 1.08
CA LYS B 11 21.34 1.22 0.82
C LYS B 11 21.04 1.27 -0.68
N ALA B 12 21.95 1.85 -1.47
CA ALA B 12 21.77 1.83 -2.93
C ALA B 12 21.72 0.39 -3.47
N ILE B 13 22.57 -0.48 -2.95
CA ILE B 13 22.56 -1.89 -3.37
C ILE B 13 21.21 -2.52 -3.05
N VAL B 14 20.69 -2.25 -1.85
CA VAL B 14 19.39 -2.80 -1.49
C VAL B 14 18.28 -2.30 -2.42
N GLU B 15 18.26 -1.00 -2.69
CA GLU B 15 17.25 -0.44 -3.58
C GLU B 15 17.32 -1.14 -4.96
N ALA B 16 18.52 -1.17 -5.54
CA ALA B 16 18.77 -1.84 -6.80
C ALA B 16 18.29 -3.28 -6.81
N LEU B 17 18.65 -4.02 -5.77
CA LEU B 17 18.23 -5.40 -5.65
C LEU B 17 16.70 -5.56 -5.61
N LEU B 18 16.02 -4.77 -4.77
CA LEU B 18 14.57 -4.93 -4.65
C LEU B 18 13.86 -4.54 -5.96
N PHE B 19 14.36 -3.49 -6.59
CA PHE B 19 13.85 -3.03 -7.86
C PHE B 19 13.92 -4.11 -8.92
N ALA B 20 15.04 -4.84 -8.96
CA ALA B 20 15.19 -5.86 -9.99
C ALA B 20 14.40 -7.13 -9.70
N ALA B 21 14.11 -7.38 -8.42
CA ALA B 21 13.40 -8.59 -7.99
C ALA B 21 11.92 -8.57 -8.36
N GLY B 22 11.38 -7.38 -8.58
CA GLY B 22 9.97 -7.24 -8.89
C GLY B 22 9.03 -7.48 -7.72
N ASP B 23 7.82 -7.89 -8.05
CA ASP B 23 6.72 -8.00 -7.09
C ASP B 23 6.85 -9.24 -6.20
N GLU B 24 7.75 -10.14 -6.56
CA GLU B 24 8.01 -11.33 -5.75
C GLU B 24 9.03 -11.06 -4.65
N GLY B 25 9.74 -9.95 -4.77
CA GLY B 25 10.65 -9.50 -3.73
C GLY B 25 11.79 -10.42 -3.29
N LEU B 26 12.33 -10.13 -2.12
CA LEU B 26 13.47 -10.86 -1.58
C LEU B 26 13.37 -10.93 -0.07
N SER B 27 13.71 -12.08 0.49
CA SER B 27 13.77 -12.23 1.94
C SER B 27 14.98 -11.50 2.52
N LEU B 28 14.97 -11.31 3.84
CA LEU B 28 16.11 -10.79 4.60
C LEU B 28 17.40 -11.59 4.39
N SER B 29 17.30 -12.90 4.41
CA SER B 29 18.46 -13.75 4.17
C SER B 29 19.09 -13.52 2.79
N GLN B 30 18.27 -13.45 1.74
CA GLN B 30 18.80 -13.19 0.40
C GLN B 30 19.54 -11.87 0.34
N ILE B 31 18.91 -10.84 0.90
CA ILE B 31 19.53 -9.52 0.88
C ILE B 31 20.83 -9.54 1.66
N ALA B 32 20.78 -10.04 2.89
CA ALA B 32 21.96 -10.14 3.75
C ALA B 32 23.04 -10.95 3.02
N ALA B 33 22.63 -12.04 2.38
CA ALA B 33 23.56 -12.88 1.64
C ALA B 33 24.25 -12.14 0.49
N VAL B 34 23.47 -11.48 -0.38
CA VAL B 34 24.08 -10.71 -1.48
C VAL B 34 25.04 -9.61 -0.98
N LEU B 35 24.63 -8.89 0.05
CA LEU B 35 25.43 -7.78 0.55
C LEU B 35 26.60 -8.30 1.35
N GLU B 36 26.52 -9.57 1.74
CA GLU B 36 27.53 -10.20 2.61
C GLU B 36 27.67 -9.45 3.93
N VAL B 37 26.53 -9.27 4.59
CA VAL B 37 26.44 -8.62 5.88
C VAL B 37 25.51 -9.46 6.75
N SER B 38 25.45 -9.18 8.05
CA SER B 38 24.52 -9.91 8.93
C SER B 38 23.06 -9.58 8.56
N GLU B 39 22.13 -10.40 9.03
CA GLU B 39 20.74 -10.08 8.82
C GLU B 39 20.36 -8.82 9.59
N LEU B 40 20.88 -8.70 10.81
CA LEU B 40 20.64 -7.53 11.62
C LEU B 40 21.05 -6.24 10.87
N GLU B 41 22.22 -6.27 10.22
CA GLU B 41 22.71 -5.16 9.38
C GLU B 41 21.78 -4.86 8.21
N ALA B 42 21.46 -5.91 7.45
CA ALA B 42 20.58 -5.78 6.30
C ALA B 42 19.27 -5.12 6.72
N LYS B 43 18.73 -5.57 7.84
CA LYS B 43 17.49 -5.02 8.40
C LYS B 43 17.60 -3.52 8.65
N ALA B 44 18.69 -3.08 9.30
CA ALA B 44 18.89 -1.65 9.58
C ALA B 44 18.85 -0.84 8.30
N VAL B 45 19.48 -1.38 7.27
CA VAL B 45 19.56 -0.75 5.97
C VAL B 45 18.23 -0.75 5.24
N ILE B 46 17.56 -1.91 5.19
CA ILE B 46 16.19 -2.01 4.63
C ILE B 46 15.24 -1.02 5.30
N GLU B 47 15.32 -0.88 6.62
CA GLU B 47 14.43 0.02 7.35
C GLU B 47 14.69 1.49 7.05
N GLU B 48 15.96 1.84 6.85
CA GLU B 48 16.33 3.20 6.56
C GLU B 48 15.86 3.58 5.16
N LEU B 49 15.96 2.64 4.23
CA LEU B 49 15.51 2.89 2.87
C LEU B 49 13.99 3.02 2.87
N GLN B 50 13.37 2.31 3.81
CA GLN B 50 11.92 2.36 3.94
C GLN B 50 11.52 3.75 4.43
N GLN B 51 12.25 4.27 5.40
CA GLN B 51 11.98 5.60 5.90
C GLN B 51 12.15 6.66 4.82
N ASP B 52 13.19 6.50 4.00
CA ASP B 52 13.44 7.43 2.88
C ASP B 52 12.30 7.42 1.87
N CYS B 53 11.71 6.25 1.64
CA CYS B 53 10.66 6.13 0.63
C CYS B 53 9.36 6.72 1.11
N ARG B 54 9.19 6.81 2.42
CA ARG B 54 8.00 7.42 3.00
C ARG B 54 7.98 8.94 2.86
N ARG B 55 9.06 9.55 2.35
CA ARG B 55 9.00 10.97 2.01
C ARG B 55 8.04 11.24 0.85
N GLU B 56 7.46 12.43 0.84
CA GLU B 56 6.37 12.70 -0.08
C GLU B 56 6.84 12.75 -1.54
N GLU B 57 8.12 13.05 -1.75
CA GLU B 57 8.60 13.18 -3.12
C GLU B 57 8.93 11.83 -3.76
N ARG B 58 8.91 10.75 -2.97
CA ARG B 58 9.11 9.41 -3.52
C ARG B 58 7.79 8.78 -3.96
N GLY B 59 7.77 8.21 -5.16
CA GLY B 59 6.56 7.59 -5.66
C GLY B 59 6.46 6.09 -5.42
N ILE B 60 7.50 5.52 -4.80
CA ILE B 60 7.49 4.10 -4.45
C ILE B 60 7.70 3.90 -2.94
N GLN B 61 7.10 2.84 -2.40
CA GLN B 61 7.24 2.48 -1.00
C GLN B 61 7.89 1.10 -0.93
N LEU B 62 8.52 0.79 0.20
CA LEU B 62 9.09 -0.55 0.42
C LEU B 62 8.17 -1.20 1.45
N VAL B 63 7.73 -2.42 1.20
CA VAL B 63 6.83 -3.07 2.13
C VAL B 63 7.30 -4.49 2.42
N GLU B 64 6.82 -5.03 3.54
CA GLU B 64 7.09 -6.42 3.88
C GLU B 64 5.80 -7.26 3.91
N LEU B 65 5.76 -8.28 3.06
CA LEU B 65 4.60 -9.17 2.99
C LEU B 65 5.09 -10.60 2.82
N GLY B 66 4.50 -11.54 3.57
CA GLY B 66 4.85 -12.94 3.45
C GLY B 66 6.33 -13.23 3.66
N GLY B 67 6.97 -12.50 4.56
CA GLY B 67 8.38 -12.68 4.83
C GLY B 67 9.31 -12.37 3.65
N VAL B 68 8.92 -11.42 2.79
CA VAL B 68 9.83 -10.88 1.79
C VAL B 68 9.66 -9.38 1.72
N PHE B 69 10.69 -8.66 1.27
CA PHE B 69 10.53 -7.23 1.04
C PHE B 69 10.35 -6.96 -0.44
N LEU B 70 9.58 -5.93 -0.78
CA LEU B 70 9.42 -5.56 -2.18
C LEU B 70 9.15 -4.08 -2.32
N LEU B 71 9.48 -3.52 -3.49
CA LEU B 71 9.12 -2.15 -3.80
C LEU B 71 7.75 -2.17 -4.49
N ALA B 72 6.91 -1.16 -4.23
CA ALA B 72 5.67 -1.01 -4.99
C ALA B 72 5.28 0.45 -5.09
N THR B 73 4.38 0.78 -6.02
CA THR B 73 3.86 2.14 -6.08
C THR B 73 3.04 2.47 -4.83
N LYS B 74 3.00 3.75 -4.45
CA LYS B 74 2.14 4.24 -3.38
C LYS B 74 0.73 4.34 -3.95
N LYS B 75 -0.28 3.94 -3.18
CA LYS B 75 -1.61 3.78 -3.78
C LYS B 75 -2.37 5.08 -3.83
N GLU B 76 -1.78 6.14 -3.27
CA GLU B 76 -2.36 7.47 -3.39
C GLU B 76 -2.20 8.03 -4.81
N HIS B 77 -1.32 7.43 -5.61
CA HIS B 77 -1.06 7.90 -6.98
C HIS B 77 -1.81 7.04 -7.99
N ALA B 78 -2.62 6.13 -7.48
CA ALA B 78 -3.44 5.24 -8.29
C ALA B 78 -4.21 5.90 -9.46
N PRO B 79 -4.87 7.04 -9.22
CA PRO B 79 -5.66 7.62 -10.33
C PRO B 79 -4.80 8.02 -11.52
N TYR B 80 -3.50 8.16 -11.32
CA TYR B 80 -2.64 8.49 -12.43
C TYR B 80 -2.18 7.22 -13.16
N LEU B 81 -2.08 6.14 -12.41
CA LEU B 81 -1.73 4.84 -12.96
C LEU B 81 -2.87 4.25 -13.79
N LYS B 82 -4.12 4.53 -13.41
CA LYS B 82 -5.27 4.17 -14.24
C LYS B 82 -5.12 4.86 -15.58
N LYS B 83 -4.75 6.14 -15.50
CA LYS B 83 -4.64 7.02 -16.66
C LYS B 83 -3.47 6.62 -17.55
N LEU B 84 -2.91 5.44 -17.29
CA LEU B 84 -1.75 4.95 -18.02
C LEU B 84 -2.15 3.74 -18.87
N VAL B 85 -2.99 2.89 -18.33
CA VAL B 85 -3.53 1.74 -19.07
C VAL B 85 -4.37 2.24 -20.23
N GLU B 86 -5.08 3.34 -19.99
CA GLU B 86 -5.88 3.99 -21.02
C GLU B 86 -4.99 4.62 -22.10
N MET C 4 5.12 20.69 1.05
CA MET C 4 5.42 22.11 1.01
C MET C 4 6.26 22.45 -0.23
N GLY C 5 6.64 21.42 -0.98
CA GLY C 5 7.25 21.64 -2.28
C GLY C 5 6.23 21.33 -3.36
N ALA C 6 5.85 22.35 -4.15
CA ALA C 6 4.68 22.29 -5.05
C ALA C 6 4.72 21.22 -6.15
N LEU C 7 5.92 20.75 -6.48
CA LEU C 7 6.08 19.75 -7.53
C LEU C 7 6.54 18.41 -6.97
N LYS C 8 6.70 18.35 -5.64
CA LYS C 8 7.00 17.07 -4.98
C LYS C 8 6.00 15.98 -5.35
N PRO C 9 4.68 16.23 -5.18
CA PRO C 9 3.75 15.17 -5.61
C PRO C 9 3.81 14.89 -7.12
N ALA C 10 4.09 15.91 -7.93
CA ALA C 10 4.27 15.75 -9.37
C ALA C 10 5.46 14.81 -9.66
N LYS C 11 6.56 15.05 -8.94
CA LYS C 11 7.77 14.24 -9.04
C LYS C 11 7.54 12.79 -8.61
N ALA C 12 6.78 12.59 -7.54
CA ALA C 12 6.47 11.27 -7.03
C ALA C 12 5.61 10.48 -8.02
N ILE C 13 4.68 11.19 -8.64
CA ILE C 13 3.85 10.58 -9.67
C ILE C 13 4.70 10.12 -10.85
N VAL C 14 5.57 10.99 -11.34
CA VAL C 14 6.50 10.57 -12.39
C VAL C 14 7.31 9.31 -12.02
N GLU C 15 7.82 9.24 -10.78
CA GLU C 15 8.55 8.05 -10.34
C GLU C 15 7.68 6.80 -10.39
N ALA C 16 6.46 6.92 -9.88
CA ALA C 16 5.48 5.83 -9.87
C ALA C 16 5.14 5.35 -11.27
N LEU C 17 4.84 6.28 -12.15
CA LEU C 17 4.56 5.98 -13.57
C LEU C 17 5.69 5.17 -14.19
N LEU C 18 6.91 5.70 -14.14
CA LEU C 18 8.08 5.00 -14.72
C LEU C 18 8.28 3.64 -14.08
N PHE C 19 8.17 3.57 -12.76
CA PHE C 19 8.20 2.29 -12.03
C PHE C 19 7.21 1.29 -12.63
N ALA C 20 5.95 1.68 -12.77
CA ALA C 20 4.96 0.77 -13.35
C ALA C 20 5.24 0.53 -14.83
N ALA C 21 5.70 1.56 -15.54
CA ALA C 21 6.00 1.42 -16.97
C ALA C 21 6.98 0.27 -17.26
N GLY C 22 7.90 0.03 -16.32
CA GLY C 22 8.86 -1.05 -16.49
C GLY C 22 9.79 -0.84 -17.67
N ASP C 23 10.30 -1.94 -18.22
CA ASP C 23 11.37 -1.90 -19.23
C ASP C 23 10.98 -1.24 -20.55
N GLU C 24 9.69 -1.04 -20.77
CA GLU C 24 9.26 -0.32 -21.97
C GLU C 24 9.39 1.19 -21.78
N GLY C 25 9.34 1.64 -20.53
CA GLY C 25 9.40 3.05 -20.24
C GLY C 25 8.23 3.87 -20.78
N LEU C 26 8.43 5.19 -20.78
CA LEU C 26 7.45 6.17 -21.25
C LEU C 26 8.12 7.38 -21.86
N SER C 27 7.49 7.92 -22.90
CA SER C 27 7.97 9.11 -23.60
C SER C 27 7.55 10.37 -22.85
N LEU C 28 8.23 11.47 -23.16
CA LEU C 28 7.86 12.78 -22.66
C LEU C 28 6.36 13.07 -22.79
N SER C 29 5.85 12.89 -24.01
CA SER C 29 4.42 13.08 -24.30
C SER C 29 3.52 12.27 -23.41
N GLN C 30 3.82 10.98 -23.27
CA GLN C 30 2.96 10.10 -22.46
C GLN C 30 2.93 10.61 -21.02
N ILE C 31 4.10 10.97 -20.52
CA ILE C 31 4.23 11.42 -19.15
C ILE C 31 3.50 12.74 -18.97
N ALA C 32 3.68 13.66 -19.92
CA ALA C 32 3.00 14.95 -19.80
C ALA C 32 1.46 14.81 -19.87
N ALA C 33 0.98 13.91 -20.71
CA ALA C 33 -0.48 13.72 -20.83
C ALA C 33 -1.11 13.18 -19.55
N VAL C 34 -0.41 12.26 -18.87
CA VAL C 34 -0.91 11.69 -17.63
C VAL C 34 -0.98 12.74 -16.53
N LEU C 35 0.07 13.55 -16.40
CA LEU C 35 0.14 14.60 -15.40
C LEU C 35 -0.77 15.80 -15.73
N GLU C 36 -1.10 15.91 -17.01
CA GLU C 36 -1.90 17.03 -17.55
C GLU C 36 -1.15 18.36 -17.35
N VAL C 37 0.12 18.35 -17.70
CA VAL C 37 0.95 19.56 -17.67
C VAL C 37 1.53 19.70 -19.06
N SER C 38 2.23 20.79 -19.34
CA SER C 38 2.93 20.89 -20.60
C SER C 38 4.17 19.98 -20.60
N GLU C 39 4.65 19.67 -21.80
CA GLU C 39 5.88 18.91 -21.97
C GLU C 39 7.09 19.61 -21.35
N LEU C 40 7.13 20.94 -21.38
CA LEU C 40 8.25 21.65 -20.79
C LEU C 40 8.22 21.46 -19.27
N GLU C 41 7.01 21.53 -18.69
CA GLU C 41 6.84 21.37 -17.24
C GLU C 41 7.25 19.96 -16.83
N ALA C 42 6.80 18.98 -17.63
CA ALA C 42 7.11 17.58 -17.39
C ALA C 42 8.60 17.34 -17.47
N LYS C 43 9.23 17.88 -18.51
CA LYS C 43 10.67 17.72 -18.66
C LYS C 43 11.37 18.18 -17.38
N ALA C 44 11.05 19.39 -16.90
CA ALA C 44 11.70 19.90 -15.69
C ALA C 44 11.53 18.97 -14.49
N VAL C 45 10.36 18.34 -14.38
CA VAL C 45 10.11 17.44 -13.27
C VAL C 45 10.96 16.18 -13.41
N ILE C 46 10.96 15.63 -14.62
CA ILE C 46 11.74 14.44 -14.93
C ILE C 46 13.22 14.69 -14.63
N GLU C 47 13.72 15.83 -15.11
CA GLU C 47 15.08 16.22 -14.86
C GLU C 47 15.43 16.26 -13.38
N GLU C 48 14.56 16.83 -12.55
CA GLU C 48 14.83 16.89 -11.10
C GLU C 48 14.91 15.48 -10.54
N LEU C 49 13.99 14.62 -10.96
CA LEU C 49 13.95 13.24 -10.48
C LEU C 49 15.23 12.52 -10.88
N GLN C 50 15.64 12.76 -12.12
CA GLN C 50 16.90 12.24 -12.63
C GLN C 50 18.05 12.72 -11.78
N GLN C 51 18.04 14.01 -11.43
CA GLN C 51 19.08 14.53 -10.54
C GLN C 51 19.05 13.82 -9.19
N ASP C 52 17.86 13.70 -8.59
CA ASP C 52 17.68 13.03 -7.30
C ASP C 52 18.24 11.62 -7.32
N CYS C 53 18.06 10.93 -8.44
CA CYS C 53 18.51 9.55 -8.56
C CYS C 53 20.02 9.45 -8.69
N ARG C 54 20.67 10.53 -9.10
CA ARG C 54 22.12 10.53 -9.23
C ARG C 54 22.86 10.48 -7.91
N ARG C 55 22.12 10.61 -6.81
CA ARG C 55 22.73 10.57 -5.49
C ARG C 55 23.26 9.19 -5.19
N GLU C 56 24.35 9.16 -4.42
CA GLU C 56 25.11 7.94 -4.16
C GLU C 56 24.26 6.87 -3.47
N GLU C 57 23.34 7.30 -2.62
CA GLU C 57 22.55 6.34 -1.85
C GLU C 57 21.41 5.75 -2.67
N ARG C 58 21.20 6.25 -3.88
CA ARG C 58 20.12 5.75 -4.72
C ARG C 58 20.65 4.65 -5.65
N GLY C 59 19.92 3.54 -5.78
CA GLY C 59 20.35 2.46 -6.66
C GLY C 59 19.60 2.31 -7.98
N ILE C 60 18.66 3.21 -8.22
CA ILE C 60 17.99 3.26 -9.51
C ILE C 60 18.30 4.61 -10.16
N GLN C 61 18.39 4.61 -11.48
CA GLN C 61 18.67 5.86 -12.18
C GLN C 61 17.66 6.03 -13.30
N LEU C 62 17.54 7.26 -13.75
CA LEU C 62 16.59 7.57 -14.79
C LEU C 62 17.39 7.75 -16.08
N VAL C 63 17.28 6.78 -16.98
CA VAL C 63 17.98 6.86 -18.25
C VAL C 63 17.07 7.21 -19.44
N GLU C 64 17.66 7.65 -20.55
CA GLU C 64 16.89 7.89 -21.76
C GLU C 64 17.53 7.20 -22.97
N LEU C 65 16.70 6.46 -23.72
CA LEU C 65 17.11 5.74 -24.92
C LEU C 65 15.88 5.28 -25.66
N GLY C 66 16.01 5.14 -26.98
CA GLY C 66 14.92 4.66 -27.81
C GLY C 66 13.68 5.53 -27.75
N GLY C 67 13.85 6.82 -27.47
CA GLY C 67 12.71 7.72 -27.36
C GLY C 67 11.88 7.65 -26.08
N VAL C 68 12.33 6.88 -25.09
CA VAL C 68 11.59 6.75 -23.82
C VAL C 68 12.46 7.07 -22.61
N PHE C 69 11.82 7.48 -21.52
CA PHE C 69 12.50 7.45 -20.22
C PHE C 69 12.17 6.11 -19.59
N LEU C 70 13.07 5.60 -18.77
CA LEU C 70 12.84 4.34 -18.06
C LEU C 70 13.77 4.29 -16.84
N LEU C 71 13.43 3.43 -15.89
CA LEU C 71 14.24 3.28 -14.69
C LEU C 71 15.14 2.05 -14.84
N ALA C 72 16.41 2.19 -14.46
CA ALA C 72 17.30 1.06 -14.55
C ALA C 72 18.28 1.13 -13.40
N THR C 73 19.00 0.04 -13.15
CA THR C 73 20.02 0.03 -12.10
C THR C 73 21.32 0.72 -12.57
N LYS C 74 22.17 1.11 -11.61
CA LYS C 74 23.46 1.70 -11.92
C LYS C 74 24.47 0.61 -12.23
N LYS C 75 25.35 0.86 -13.21
CA LYS C 75 26.31 -0.15 -13.65
C LYS C 75 27.30 -0.56 -12.56
N GLU C 76 27.58 0.36 -11.64
CA GLU C 76 28.50 0.09 -10.53
C GLU C 76 27.98 -1.02 -9.63
N HIS C 77 26.69 -1.36 -9.74
CA HIS C 77 26.06 -2.31 -8.84
C HIS C 77 25.85 -3.67 -9.47
N ALA C 78 26.18 -3.79 -10.75
CA ALA C 78 26.06 -5.06 -11.47
C ALA C 78 26.64 -6.30 -10.76
N PRO C 79 27.85 -6.20 -10.14
CA PRO C 79 28.41 -7.37 -9.47
C PRO C 79 27.47 -7.97 -8.43
N TYR C 80 26.83 -7.10 -7.66
CA TYR C 80 25.81 -7.52 -6.71
C TYR C 80 24.53 -8.07 -7.38
N LEU C 81 24.05 -7.37 -8.41
CA LEU C 81 22.81 -7.81 -9.08
C LEU C 81 23.00 -9.16 -9.79
N LYS C 82 24.21 -9.47 -10.22
CA LYS C 82 24.50 -10.76 -10.85
C LYS C 82 24.38 -11.98 -9.91
N LYS C 83 24.61 -11.77 -8.62
CA LYS C 83 24.40 -12.86 -7.64
C LYS C 83 22.92 -13.16 -7.48
N LEU C 84 22.08 -12.38 -8.17
CA LEU C 84 20.65 -12.50 -8.02
C LEU C 84 19.91 -12.65 -9.36
N ALA C 87 14.17 -12.50 -13.66
CA ALA C 87 14.98 -12.99 -14.78
C ALA C 87 16.37 -12.33 -14.88
N PRO C 88 16.44 -10.97 -14.96
CA PRO C 88 15.49 -9.88 -15.25
C PRO C 88 15.70 -9.25 -16.65
N GLY C 89 15.15 -8.07 -16.86
CA GLY C 89 15.35 -7.38 -18.13
C GLY C 89 16.72 -6.70 -18.16
N ALA C 90 17.38 -6.73 -19.31
CA ALA C 90 18.73 -6.20 -19.35
C ALA C 90 18.95 -5.11 -20.40
N SER C 91 19.81 -4.18 -20.04
CA SER C 91 20.25 -3.13 -20.93
C SER C 91 21.77 -3.09 -20.79
N PRO C 92 22.50 -3.51 -21.83
CA PRO C 92 23.93 -3.17 -21.96
C PRO C 92 24.28 -2.40 -23.23
N GLU D 1 -22.78 -20.53 21.35
CA GLU D 1 -22.63 -20.91 19.95
C GLU D 1 -23.37 -19.93 19.03
N ARG D 2 -24.08 -18.96 19.63
CA ARG D 2 -24.89 -18.02 18.85
C ARG D 2 -24.08 -17.02 18.01
N ALA D 3 -23.07 -16.38 18.61
CA ALA D 3 -22.37 -15.28 17.94
C ALA D 3 -20.84 -15.28 18.04
N LEU D 4 -20.17 -15.66 16.95
CA LEU D 4 -18.71 -15.59 16.87
C LEU D 4 -18.32 -14.36 16.05
N LEU D 5 -17.55 -13.45 16.66
CA LEU D 5 -17.11 -12.22 15.98
C LEU D 5 -15.59 -12.18 15.90
N PHE D 6 -15.06 -11.80 14.74
CA PHE D 6 -13.61 -11.72 14.61
C PHE D 6 -13.06 -10.29 14.70
N THR D 7 -11.89 -10.16 15.31
CA THR D 7 -11.21 -8.88 15.44
C THR D 7 -9.94 -8.91 14.58
N LYS D 8 -9.22 -7.78 14.49
CA LYS D 8 -7.92 -7.80 13.82
C LYS D 8 -6.93 -7.24 14.80
N PRO D 9 -5.66 -7.66 14.71
CA PRO D 9 -4.64 -7.07 15.59
C PRO D 9 -4.49 -5.57 15.33
N PRO D 10 -3.93 -4.83 16.30
CA PRO D 10 -3.59 -3.41 16.07
C PRO D 10 -2.77 -3.25 14.81
N SER D 11 -2.92 -2.14 14.09
CA SER D 11 -2.04 -1.94 12.95
C SER D 11 -0.66 -1.54 13.43
N ASP D 12 0.37 -1.92 12.68
CA ASP D 12 1.73 -1.47 12.94
C ASP D 12 1.77 0.04 12.76
N LEU D 13 2.05 0.77 13.83
CA LEU D 13 2.09 2.22 13.71
C LEU D 13 3.50 2.77 13.94
N SER D 14 4.51 1.96 13.65
CA SER D 14 5.90 2.39 13.81
C SER D 14 6.24 3.53 12.85
N ALA D 15 5.54 3.59 11.72
CA ALA D 15 5.77 4.59 10.67
C ALA D 15 5.61 6.04 11.12
N TYR D 16 5.31 6.26 12.41
CA TYR D 16 5.28 7.60 13.00
C TYR D 16 6.09 7.62 14.29
N GLY E 5 -29.76 -6.08 -3.64
CA GLY E 5 -28.38 -6.26 -4.07
C GLY E 5 -27.92 -7.70 -3.88
N ALA E 6 -27.96 -8.47 -4.97
CA ALA E 6 -27.68 -9.92 -4.90
C ALA E 6 -26.22 -10.27 -4.55
N LEU E 7 -25.33 -9.29 -4.66
CA LEU E 7 -23.92 -9.50 -4.29
C LEU E 7 -23.56 -8.75 -2.99
N LYS E 8 -24.49 -7.95 -2.49
CA LYS E 8 -24.34 -7.27 -1.19
C LYS E 8 -23.73 -8.19 -0.13
N PRO E 9 -24.34 -9.38 0.10
CA PRO E 9 -23.67 -10.23 1.08
C PRO E 9 -22.28 -10.72 0.61
N ALA E 10 -22.03 -10.76 -0.70
CA ALA E 10 -20.71 -11.22 -1.19
C ALA E 10 -19.62 -10.22 -0.83
N LYS E 11 -19.82 -8.97 -1.27
CA LYS E 11 -18.96 -7.85 -0.91
C LYS E 11 -18.67 -7.79 0.61
N ALA E 12 -19.73 -7.92 1.42
CA ALA E 12 -19.62 -7.96 2.87
C ALA E 12 -18.70 -9.09 3.33
N ILE E 13 -18.88 -10.28 2.75
CA ILE E 13 -18.03 -11.41 3.13
C ILE E 13 -16.59 -11.09 2.76
N VAL E 14 -16.34 -10.53 1.58
CA VAL E 14 -15.00 -10.10 1.26
C VAL E 14 -14.46 -9.09 2.27
N GLU E 15 -15.25 -8.06 2.59
CA GLU E 15 -14.81 -7.05 3.55
C GLU E 15 -14.43 -7.70 4.88
N ALA E 16 -15.28 -8.61 5.35
CA ALA E 16 -15.03 -9.34 6.59
C ALA E 16 -13.75 -10.16 6.55
N LEU E 17 -13.57 -10.92 5.46
CA LEU E 17 -12.40 -11.76 5.30
C LEU E 17 -11.12 -10.94 5.31
N LEU E 18 -11.09 -9.85 4.55
CA LEU E 18 -9.86 -9.07 4.44
C LEU E 18 -9.57 -8.37 5.76
N PHE E 19 -10.62 -8.01 6.47
CA PHE E 19 -10.49 -7.42 7.78
C PHE E 19 -9.82 -8.39 8.75
N ALA E 20 -10.31 -9.62 8.82
CA ALA E 20 -9.73 -10.57 9.77
C ALA E 20 -8.32 -11.05 9.37
N ALA E 21 -7.97 -10.91 8.09
CA ALA E 21 -6.70 -11.42 7.58
C ALA E 21 -5.55 -10.52 8.01
N GLY E 22 -5.88 -9.31 8.42
CA GLY E 22 -4.85 -8.37 8.83
C GLY E 22 -3.94 -7.96 7.68
N ASP E 23 -2.76 -7.46 8.03
CA ASP E 23 -1.89 -6.81 7.06
C ASP E 23 -1.14 -7.78 6.15
N GLU E 24 -1.32 -9.08 6.35
CA GLU E 24 -0.77 -10.04 5.39
C GLU E 24 -1.75 -10.28 4.23
N GLY E 25 -3.01 -9.91 4.45
CA GLY E 25 -4.01 -10.01 3.39
C GLY E 25 -4.28 -11.41 2.87
N LEU E 26 -4.83 -11.45 1.65
CA LEU E 26 -5.26 -12.70 1.02
C LEU E 26 -5.19 -12.56 -0.48
N SER E 27 -4.81 -13.64 -1.15
CA SER E 27 -4.82 -13.66 -2.61
C SER E 27 -6.24 -13.86 -3.13
N LEU E 28 -6.39 -13.57 -4.42
CA LEU E 28 -7.61 -13.85 -5.18
C LEU E 28 -8.06 -15.33 -5.07
N SER E 29 -7.11 -16.25 -5.17
CA SER E 29 -7.41 -17.68 -5.04
C SER E 29 -8.03 -18.02 -3.70
N GLN E 30 -7.44 -17.48 -2.63
CA GLN E 30 -7.96 -17.73 -1.30
C GLN E 30 -9.38 -17.18 -1.16
N ILE E 31 -9.58 -15.95 -1.62
CA ILE E 31 -10.89 -15.33 -1.49
C ILE E 31 -11.90 -16.09 -2.35
N ALA E 32 -11.51 -16.42 -3.58
CA ALA E 32 -12.39 -17.18 -4.46
C ALA E 32 -12.70 -18.53 -3.81
N ALA E 33 -11.67 -19.18 -3.28
CA ALA E 33 -11.84 -20.48 -2.63
C ALA E 33 -12.78 -20.40 -1.42
N VAL E 34 -12.58 -19.39 -0.57
CA VAL E 34 -13.44 -19.26 0.61
C VAL E 34 -14.89 -18.97 0.24
N LEU E 35 -15.08 -18.08 -0.75
CA LEU E 35 -16.42 -17.71 -1.20
C LEU E 35 -17.05 -18.78 -2.07
N GLU E 36 -16.25 -19.73 -2.55
CA GLU E 36 -16.73 -20.76 -3.47
C GLU E 36 -17.31 -20.13 -4.73
N VAL E 37 -16.55 -19.20 -5.30
CA VAL E 37 -16.90 -18.53 -6.54
C VAL E 37 -15.67 -18.57 -7.45
N SER E 38 -15.83 -18.15 -8.70
CA SER E 38 -14.67 -18.09 -9.60
C SER E 38 -13.74 -16.95 -9.22
N GLU E 39 -12.50 -17.02 -9.69
CA GLU E 39 -11.57 -15.93 -9.50
C GLU E 39 -12.06 -14.63 -10.16
N LEU E 40 -12.63 -14.76 -11.35
CA LEU E 40 -13.25 -13.64 -12.04
C LEU E 40 -14.34 -12.96 -11.19
N GLU E 41 -15.23 -13.76 -10.62
CA GLU E 41 -16.28 -13.24 -9.72
C GLU E 41 -15.72 -12.52 -8.46
N ALA E 42 -14.81 -13.17 -7.76
CA ALA E 42 -14.12 -12.58 -6.62
C ALA E 42 -13.51 -11.24 -6.99
N LYS E 43 -12.85 -11.22 -8.14
CA LYS E 43 -12.21 -10.00 -8.64
C LYS E 43 -13.23 -8.88 -8.85
N ALA E 44 -14.38 -9.21 -9.44
CA ALA E 44 -15.43 -8.21 -9.66
C ALA E 44 -15.93 -7.69 -8.33
N VAL E 45 -16.03 -8.60 -7.38
CA VAL E 45 -16.51 -8.24 -6.05
C VAL E 45 -15.47 -7.41 -5.31
N ILE E 46 -14.23 -7.88 -5.33
CA ILE E 46 -13.12 -7.12 -4.76
C ILE E 46 -13.05 -5.71 -5.35
N GLU E 47 -13.22 -5.58 -6.66
CA GLU E 47 -13.08 -4.26 -7.29
C GLU E 47 -14.18 -3.34 -6.84
N GLU E 48 -15.38 -3.89 -6.71
CA GLU E 48 -16.55 -3.11 -6.33
C GLU E 48 -16.33 -2.56 -4.93
N LEU E 49 -15.83 -3.42 -4.03
CA LEU E 49 -15.56 -3.06 -2.65
C LEU E 49 -14.45 -2.00 -2.56
N GLN E 50 -13.58 -2.02 -3.57
CA GLN E 50 -12.47 -1.08 -3.64
C GLN E 50 -13.00 0.31 -3.99
N GLN E 51 -13.90 0.35 -4.96
CA GLN E 51 -14.56 1.59 -5.35
C GLN E 51 -15.32 2.18 -4.18
N ASP E 52 -15.99 1.32 -3.42
CA ASP E 52 -16.71 1.77 -2.23
C ASP E 52 -15.80 2.46 -1.21
N CYS E 53 -14.59 1.95 -1.04
CA CYS E 53 -13.64 2.48 -0.07
C CYS E 53 -12.95 3.74 -0.56
N ARG E 54 -13.17 4.08 -1.82
CA ARG E 54 -12.65 5.34 -2.34
C ARG E 54 -13.56 6.52 -2.01
N ARG E 55 -14.77 6.25 -1.52
CA ARG E 55 -15.64 7.33 -1.07
C ARG E 55 -14.99 8.01 0.12
N GLU E 56 -15.09 9.35 0.15
CA GLU E 56 -14.38 10.12 1.15
C GLU E 56 -14.83 9.73 2.55
N GLU E 57 -16.00 9.08 2.63
CA GLU E 57 -16.57 8.72 3.92
C GLU E 57 -15.96 7.47 4.56
N ARG E 58 -15.20 6.67 3.80
CA ARG E 58 -14.56 5.49 4.39
C ARG E 58 -13.11 5.80 4.77
N GLY E 59 -12.68 5.33 5.94
CA GLY E 59 -11.36 5.62 6.43
C GLY E 59 -10.33 4.54 6.11
N ILE E 60 -10.80 3.44 5.51
CA ILE E 60 -9.91 2.38 5.05
C ILE E 60 -9.97 2.25 3.53
N GLN E 61 -8.88 1.74 2.95
CA GLN E 61 -8.83 1.46 1.53
C GLN E 61 -8.43 -0.01 1.32
N LEU E 62 -8.71 -0.54 0.13
CA LEU E 62 -8.33 -1.91 -0.20
C LEU E 62 -7.25 -1.79 -1.27
N VAL E 63 -6.10 -2.40 -1.03
CA VAL E 63 -5.02 -2.30 -1.99
C VAL E 63 -4.50 -3.66 -2.36
N GLU E 64 -3.88 -3.75 -3.53
CA GLU E 64 -3.20 -4.98 -3.94
C GLU E 64 -1.70 -4.79 -3.95
N LEU E 65 -1.01 -5.63 -3.18
CA LEU E 65 0.43 -5.57 -3.06
C LEU E 65 0.95 -6.98 -3.04
N GLY E 66 2.03 -7.23 -3.79
CA GLY E 66 2.65 -8.53 -3.84
C GLY E 66 1.68 -9.67 -4.03
N GLY E 67 0.70 -9.48 -4.93
CA GLY E 67 -0.25 -10.52 -5.25
C GLY E 67 -1.20 -10.92 -4.13
N VAL E 68 -1.36 -10.07 -3.11
CA VAL E 68 -2.41 -10.28 -2.13
C VAL E 68 -3.23 -9.01 -2.01
N PHE E 69 -4.48 -9.12 -1.56
CA PHE E 69 -5.26 -7.93 -1.23
C PHE E 69 -5.30 -7.76 0.28
N LEU E 70 -5.39 -6.51 0.73
CA LEU E 70 -5.44 -6.22 2.15
C LEU E 70 -6.11 -4.88 2.45
N LEU E 71 -6.73 -4.75 3.61
CA LEU E 71 -7.28 -3.47 4.02
C LEU E 71 -6.19 -2.63 4.69
N ALA E 72 -6.25 -1.32 4.50
CA ALA E 72 -5.25 -0.45 5.10
C ALA E 72 -5.83 0.95 5.35
N THR E 73 -5.22 1.69 6.26
CA THR E 73 -5.63 3.06 6.51
C THR E 73 -5.21 4.00 5.36
N LYS E 74 -5.98 5.06 5.15
CA LYS E 74 -5.67 6.09 4.17
C LYS E 74 -4.66 7.09 4.75
N LYS E 75 -3.70 7.48 3.92
CA LYS E 75 -2.62 8.41 4.30
C LYS E 75 -3.15 9.73 4.89
N GLU E 76 -4.19 10.29 4.29
CA GLU E 76 -4.75 11.56 4.77
C GLU E 76 -5.13 11.60 6.26
N HIS E 77 -5.27 10.42 6.89
CA HIS E 77 -5.66 10.36 8.28
C HIS E 77 -4.46 10.17 9.22
N ALA E 78 -3.28 10.09 8.61
CA ALA E 78 -2.02 9.97 9.34
C ALA E 78 -1.82 10.91 10.55
N PRO E 79 -2.24 12.19 10.43
CA PRO E 79 -2.00 13.05 11.59
C PRO E 79 -2.82 12.62 12.80
N TYR E 80 -3.86 11.85 12.57
CA TYR E 80 -4.69 11.43 13.66
C TYR E 80 -4.19 10.12 14.23
N LEU E 81 -3.74 9.24 13.34
CA LEU E 81 -3.19 7.94 13.74
C LEU E 81 -1.89 8.17 14.44
N LYS E 82 -1.22 9.26 14.07
CA LYS E 82 0.00 9.67 14.74
C LYS E 82 -0.27 9.90 16.23
N LYS E 83 -1.44 10.45 16.54
CA LYS E 83 -1.77 10.68 17.95
C LYS E 83 -2.04 9.39 18.72
N LEU E 84 -2.24 8.30 17.99
CA LEU E 84 -2.46 7.01 18.64
C LEU E 84 -1.14 6.41 19.14
N VAL E 85 -0.03 6.89 18.59
CA VAL E 85 1.29 6.44 19.02
C VAL E 85 1.74 7.24 20.25
N ALA F 6 -17.29 18.89 -0.13
CA ALA F 6 -16.70 20.18 0.22
C ALA F 6 -15.89 20.09 1.52
N LEU F 7 -16.39 19.32 2.48
CA LEU F 7 -15.65 19.08 3.72
C LEU F 7 -15.64 17.60 4.11
N LYS F 8 -14.64 17.22 4.92
CA LYS F 8 -14.33 15.81 5.21
C LYS F 8 -15.09 15.23 6.39
N PRO F 9 -15.63 14.01 6.21
CA PRO F 9 -16.28 13.31 7.32
C PRO F 9 -15.30 13.01 8.46
N ALA F 10 -15.73 13.36 9.67
CA ALA F 10 -15.00 13.06 10.88
C ALA F 10 -15.15 11.55 11.10
N LYS F 11 -16.20 11.00 10.49
CA LYS F 11 -16.53 9.58 10.47
C LYS F 11 -15.44 8.68 9.86
N ALA F 12 -14.76 9.17 8.84
CA ALA F 12 -13.68 8.41 8.22
C ALA F 12 -12.44 8.31 9.14
N ILE F 13 -12.18 9.37 9.90
CA ILE F 13 -11.07 9.34 10.85
C ILE F 13 -11.37 8.34 11.97
N VAL F 14 -12.60 8.36 12.45
CA VAL F 14 -13.00 7.40 13.46
C VAL F 14 -12.85 5.95 12.96
N GLU F 15 -13.27 5.66 11.74
CA GLU F 15 -13.10 4.30 11.22
C GLU F 15 -11.63 3.94 11.10
N ALA F 16 -10.84 4.89 10.60
CA ALA F 16 -9.39 4.69 10.53
C ALA F 16 -8.77 4.45 11.92
N LEU F 17 -9.16 5.24 12.91
CA LEU F 17 -8.63 5.06 14.28
C LEU F 17 -8.97 3.69 14.85
N LEU F 18 -10.24 3.29 14.73
CA LEU F 18 -10.69 1.96 15.21
C LEU F 18 -10.07 0.82 14.42
N PHE F 19 -9.90 1.00 13.11
CA PHE F 19 -9.16 0.04 12.30
C PHE F 19 -7.77 -0.17 12.88
N ALA F 20 -7.08 0.92 13.17
CA ALA F 20 -5.70 0.83 13.66
C ALA F 20 -5.61 0.20 15.05
N ALA F 21 -6.55 0.55 15.93
CA ALA F 21 -6.51 0.02 17.30
C ALA F 21 -6.72 -1.49 17.37
N GLY F 22 -7.39 -2.06 16.38
CA GLY F 22 -7.68 -3.48 16.40
C GLY F 22 -8.44 -3.93 17.64
N ASP F 23 -8.12 -5.14 18.12
CA ASP F 23 -8.92 -5.84 19.13
C ASP F 23 -8.92 -5.16 20.51
N GLU F 24 -8.00 -4.23 20.72
CA GLU F 24 -7.98 -3.47 21.97
C GLU F 24 -9.06 -2.39 21.96
N GLY F 25 -9.34 -1.85 20.77
CA GLY F 25 -10.34 -0.80 20.63
C GLY F 25 -9.89 0.52 21.22
N LEU F 26 -10.85 1.40 21.46
CA LEU F 26 -10.66 2.75 22.00
C LEU F 26 -11.92 3.22 22.71
N SER F 27 -11.75 3.97 23.79
CA SER F 27 -12.89 4.53 24.51
C SER F 27 -13.36 5.83 23.86
N LEU F 28 -14.59 6.20 24.18
CA LEU F 28 -15.15 7.50 23.87
C LEU F 28 -14.15 8.63 24.08
N SER F 29 -13.59 8.70 25.29
CA SER F 29 -12.70 9.81 25.61
C SER F 29 -11.43 9.79 24.77
N GLN F 30 -10.85 8.62 24.54
CA GLN F 30 -9.66 8.53 23.68
C GLN F 30 -9.97 9.05 22.27
N ILE F 31 -11.09 8.59 21.73
CA ILE F 31 -11.52 9.00 20.40
C ILE F 31 -11.74 10.51 20.34
N ALA F 32 -12.40 11.08 21.34
CA ALA F 32 -12.68 12.52 21.33
C ALA F 32 -11.39 13.33 21.51
N ALA F 33 -10.45 12.81 22.28
CA ALA F 33 -9.16 13.48 22.46
C ALA F 33 -8.39 13.53 21.14
N VAL F 34 -8.39 12.42 20.40
CA VAL F 34 -7.67 12.40 19.13
C VAL F 34 -8.29 13.36 18.14
N LEU F 35 -9.62 13.34 18.03
CA LEU F 35 -10.34 14.17 17.08
C LEU F 35 -10.38 15.65 17.49
N GLU F 36 -10.08 15.89 18.77
CA GLU F 36 -10.18 17.23 19.36
C GLU F 36 -11.58 17.80 19.20
N VAL F 37 -12.56 17.01 19.60
CA VAL F 37 -13.96 17.44 19.62
C VAL F 37 -14.49 17.17 21.03
N SER F 38 -15.72 17.57 21.31
CA SER F 38 -16.32 17.21 22.58
C SER F 38 -16.67 15.73 22.55
N GLU F 39 -16.81 15.14 23.73
CA GLU F 39 -17.23 13.75 23.82
C GLU F 39 -18.61 13.55 23.17
N LEU F 40 -19.47 14.56 23.26
CA LEU F 40 -20.81 14.47 22.69
C LEU F 40 -20.76 14.47 21.16
N GLU F 41 -19.91 15.34 20.59
CA GLU F 41 -19.71 15.39 19.15
C GLU F 41 -19.16 14.06 18.66
N ALA F 42 -18.20 13.51 19.41
CA ALA F 42 -17.61 12.22 19.08
C ALA F 42 -18.67 11.15 19.05
N LYS F 43 -19.41 11.02 20.15
CA LYS F 43 -20.50 10.06 20.24
C LYS F 43 -21.37 10.08 18.98
N ALA F 44 -21.87 11.26 18.61
CA ALA F 44 -22.71 11.35 17.42
C ALA F 44 -21.99 10.85 16.15
N VAL F 45 -20.69 11.12 16.04
CA VAL F 45 -19.92 10.63 14.91
C VAL F 45 -19.92 9.09 14.91
N ILE F 46 -19.49 8.52 16.03
CA ILE F 46 -19.40 7.08 16.19
C ILE F 46 -20.71 6.39 15.83
N GLU F 47 -21.81 6.88 16.41
CA GLU F 47 -23.13 6.38 16.13
C GLU F 47 -23.44 6.33 14.64
N GLU F 48 -23.07 7.36 13.89
CA GLU F 48 -23.34 7.34 12.44
C GLU F 48 -22.47 6.29 11.75
N LEU F 49 -21.24 6.17 12.23
CA LEU F 49 -20.36 5.14 11.69
C LEU F 49 -20.94 3.78 11.97
N GLN F 50 -21.45 3.60 13.19
CA GLN F 50 -22.06 2.35 13.61
C GLN F 50 -23.29 2.06 12.78
N GLN F 51 -24.07 3.10 12.53
CA GLN F 51 -25.25 2.98 11.70
C GLN F 51 -24.87 2.52 10.30
N ASP F 52 -23.89 3.20 9.72
CA ASP F 52 -23.39 2.87 8.38
C ASP F 52 -22.96 1.42 8.26
N CYS F 53 -22.36 0.89 9.33
CA CYS F 53 -21.83 -0.47 9.30
C CYS F 53 -22.95 -1.51 9.32
N ARG F 54 -24.10 -1.12 9.83
CA ARG F 54 -25.24 -2.03 9.87
C ARG F 54 -25.84 -2.33 8.51
N ARG F 55 -25.42 -1.61 7.46
CA ARG F 55 -25.93 -1.94 6.14
C ARG F 55 -25.46 -3.32 5.70
N GLU F 56 -26.30 -3.96 4.88
CA GLU F 56 -26.10 -5.35 4.49
C GLU F 56 -24.80 -5.59 3.72
N GLU F 57 -24.35 -4.62 2.93
CA GLU F 57 -23.10 -4.79 2.18
C GLU F 57 -21.85 -4.68 3.05
N ARG F 58 -22.02 -4.28 4.31
CA ARG F 58 -20.86 -4.11 5.20
C ARG F 58 -20.67 -5.37 6.04
N GLY F 59 -19.45 -5.90 6.04
CA GLY F 59 -19.19 -7.14 6.76
C GLY F 59 -18.42 -6.90 8.05
N ILE F 60 -18.21 -5.61 8.34
CA ILE F 60 -17.59 -5.20 9.59
C ILE F 60 -18.58 -4.33 10.37
N GLN F 61 -18.61 -4.50 11.68
CA GLN F 61 -19.56 -3.77 12.52
C GLN F 61 -18.85 -3.08 13.69
N LEU F 62 -19.51 -2.10 14.29
CA LEU F 62 -18.92 -1.37 15.37
C LEU F 62 -19.61 -1.79 16.67
N VAL F 63 -18.89 -2.50 17.53
CA VAL F 63 -19.47 -2.99 18.79
C VAL F 63 -18.93 -2.28 20.05
N GLU F 64 -19.69 -2.34 21.13
CA GLU F 64 -19.21 -1.77 22.40
C GLU F 64 -19.23 -2.82 23.50
N LEU F 65 -18.08 -3.04 24.11
CA LEU F 65 -17.94 -3.96 25.23
C LEU F 65 -16.69 -3.57 26.00
N GLY F 66 -16.64 -3.95 27.27
CA GLY F 66 -15.45 -3.73 28.07
C GLY F 66 -15.05 -2.28 28.20
N GLY F 67 -15.99 -1.36 28.05
CA GLY F 67 -15.66 0.06 28.13
C GLY F 67 -14.97 0.67 26.91
N VAL F 68 -14.92 -0.06 25.79
CA VAL F 68 -14.30 0.44 24.56
C VAL F 68 -15.16 0.22 23.30
N PHE F 69 -14.90 1.00 22.26
CA PHE F 69 -15.39 0.67 20.93
C PHE F 69 -14.33 -0.12 20.19
N LEU F 70 -14.76 -1.06 19.36
CA LEU F 70 -13.87 -1.77 18.47
C LEU F 70 -14.63 -2.25 17.24
N LEU F 71 -13.88 -2.64 16.21
CA LEU F 71 -14.47 -3.17 14.99
C LEU F 71 -14.40 -4.69 15.01
N ALA F 72 -15.47 -5.34 14.56
CA ALA F 72 -15.50 -6.79 14.56
C ALA F 72 -16.37 -7.27 13.42
N THR F 73 -16.20 -8.53 13.03
CA THR F 73 -17.03 -9.11 11.97
C THR F 73 -18.44 -9.41 12.47
N LYS F 74 -19.40 -9.47 11.53
CA LYS F 74 -20.78 -9.83 11.85
C LYS F 74 -20.87 -11.35 12.02
N LYS F 75 -21.71 -11.80 12.95
CA LYS F 75 -21.73 -13.22 13.28
C LYS F 75 -22.23 -14.12 12.15
N GLU F 76 -23.06 -13.58 11.26
CA GLU F 76 -23.59 -14.38 10.16
C GLU F 76 -22.53 -14.72 9.12
N HIS F 77 -21.38 -14.04 9.19
CA HIS F 77 -20.27 -14.34 8.28
C HIS F 77 -19.30 -15.34 8.90
N ALA F 78 -19.58 -15.77 10.13
CA ALA F 78 -18.69 -16.74 10.81
C ALA F 78 -18.37 -18.01 10.01
N PRO F 79 -19.35 -18.60 9.29
CA PRO F 79 -19.01 -19.80 8.51
C PRO F 79 -17.87 -19.57 7.51
N TYR F 80 -17.88 -18.43 6.84
CA TYR F 80 -16.81 -18.09 5.92
C TYR F 80 -15.52 -17.75 6.67
N LEU F 81 -15.63 -16.99 7.75
CA LEU F 81 -14.45 -16.56 8.51
C LEU F 81 -13.71 -17.74 9.14
N LYS F 82 -14.41 -18.79 9.53
CA LYS F 82 -13.67 -19.92 10.12
C LYS F 82 -13.13 -20.96 9.12
N LYS F 83 -13.58 -20.91 7.86
CA LYS F 83 -12.89 -21.64 6.80
C LYS F 83 -11.55 -20.95 6.67
N LEU F 84 -11.59 -19.63 6.78
CA LEU F 84 -10.40 -18.81 6.62
C LEU F 84 -9.29 -19.30 7.56
N VAL F 85 -9.50 -19.17 8.86
CA VAL F 85 -8.53 -19.58 9.90
C VAL F 85 -7.05 -19.50 9.50
N ALA F 87 -4.48 -15.35 13.52
CA ALA F 87 -5.00 -16.43 14.36
C ALA F 87 -6.46 -16.84 14.05
N PRO F 88 -7.40 -15.87 14.04
CA PRO F 88 -7.39 -14.44 14.44
C PRO F 88 -7.88 -14.23 15.87
N GLY F 89 -8.15 -12.98 16.23
CA GLY F 89 -8.73 -12.67 17.52
C GLY F 89 -10.25 -12.86 17.54
N ALA F 90 -10.75 -13.39 18.64
CA ALA F 90 -12.17 -13.65 18.75
C ALA F 90 -12.60 -13.47 20.20
#